data_3U8V
#
_entry.id   3U8V
#
_cell.length_a   35.660
_cell.length_b   56.207
_cell.length_c   83.923
_cell.angle_alpha   90.00
_cell.angle_beta   90.00
_cell.angle_gamma   90.00
#
_symmetry.space_group_name_H-M   'P 21 21 21'
#
loop_
_entity.id
_entity.type
_entity.pdbx_description
1 polymer 'Metal-binding protein smbP'
2 non-polymer 'NICKEL (II) ION'
3 water water
#
_entity_poly.entity_id   1
_entity_poly.type   'polypeptide(L)'
_entity_poly.pdbx_seq_one_letter_code
;SGHTAHVDEAVKHAEEAVAHGKEGHTDQLLEHAKESLTHAKAASEAGGNTHVGHGIKHLEDAIKHGEEGHVGVATKHAQE
AIEHLRASEHKSH
;
_entity_poly.pdbx_strand_id   A,B
#
loop_
_chem_comp.id
_chem_comp.type
_chem_comp.name
_chem_comp.formula
NI non-polymer 'NICKEL (II) ION' 'Ni 2'
#
# COMPACT_ATOMS: atom_id res chain seq x y z
N SER A 1 -5.16 -9.83 -7.88
CA SER A 1 -6.04 -10.94 -7.31
C SER A 1 -7.45 -10.67 -7.79
N GLY A 2 -8.39 -11.57 -7.53
CA GLY A 2 -9.75 -11.29 -7.91
C GLY A 2 -10.43 -10.40 -6.92
N HIS A 3 -11.68 -10.06 -7.22
CA HIS A 3 -12.47 -9.12 -6.41
C HIS A 3 -12.53 -9.62 -4.98
N THR A 4 -12.76 -10.91 -4.81
CA THR A 4 -13.00 -11.45 -3.45
C THR A 4 -11.79 -11.25 -2.59
N ALA A 5 -10.62 -11.57 -3.15
CA ALA A 5 -9.42 -11.52 -2.37
C ALA A 5 -9.08 -10.08 -2.05
N HIS A 6 -9.29 -9.17 -3.01
CA HIS A 6 -9.03 -7.76 -2.72
C HIS A 6 -9.95 -7.18 -1.66
N VAL A 7 -11.23 -7.50 -1.76
CA VAL A 7 -12.15 -7.00 -0.74
C VAL A 7 -11.71 -7.57 0.58
N ASP A 8 -11.34 -8.88 0.62
CA ASP A 8 -10.93 -9.50 1.88
C ASP A 8 -9.71 -8.82 2.46
N GLU A 9 -8.69 -8.59 1.62
CA GLU A 9 -7.49 -7.93 2.11
C GLU A 9 -7.85 -6.48 2.51
N ALA A 10 -8.72 -5.81 1.75
CA ALA A 10 -9.10 -4.42 2.14
C ALA A 10 -9.75 -4.39 3.55
N VAL A 11 -10.64 -5.33 3.78
CA VAL A 11 -11.34 -5.44 5.09
C VAL A 11 -10.33 -5.73 6.21
N LYS A 12 -9.47 -6.71 5.98
CA LYS A 12 -8.50 -7.11 6.96
C LYS A 12 -7.56 -5.97 7.32
N HIS A 13 -7.08 -5.24 6.32
CA HIS A 13 -6.22 -4.15 6.63
C HIS A 13 -6.96 -3.00 7.30
N ALA A 14 -8.18 -2.76 6.87
CA ALA A 14 -8.98 -1.69 7.48
C ALA A 14 -9.24 -2.11 8.94
N GLU A 15 -9.50 -3.41 9.17
CA GLU A 15 -9.67 -3.84 10.60
C GLU A 15 -8.45 -3.61 11.42
N GLU A 16 -7.26 -3.88 10.85
CA GLU A 16 -6.06 -3.65 11.58
C GLU A 16 -5.84 -2.14 11.74
N ALA A 17 -6.15 -1.32 10.70
CA ALA A 17 -6.05 0.11 10.89
C ALA A 17 -6.96 0.60 12.07
N VAL A 18 -8.19 0.12 12.12
CA VAL A 18 -9.10 0.50 13.23
C VAL A 18 -8.49 0.10 14.60
N ALA A 19 -8.00 -1.14 14.68
CA ALA A 19 -7.45 -1.61 15.92
C ALA A 19 -6.25 -0.72 16.37
N HIS A 20 -5.39 -0.35 15.42
CA HIS A 20 -4.25 0.56 15.73
C HIS A 20 -4.75 1.91 16.19
N GLY A 21 -5.83 2.36 15.57
CA GLY A 21 -6.35 3.73 15.79
C GLY A 21 -6.91 3.84 17.16
N LYS A 22 -7.60 2.77 17.61
CA LYS A 22 -8.12 2.74 18.96
C LYS A 22 -7.01 2.75 20.00
N GLU A 23 -5.80 2.34 19.60
CA GLU A 23 -4.65 2.37 20.46
C GLU A 23 -3.88 3.65 20.27
N GLY A 24 -4.37 4.50 19.39
CA GLY A 24 -3.67 5.78 19.08
C GLY A 24 -2.40 5.58 18.23
N HIS A 25 -2.29 4.44 17.55
CA HIS A 25 -1.14 4.15 16.66
C HIS A 25 -1.31 4.79 15.31
N THR A 26 -1.14 6.11 15.23
CA THR A 26 -1.48 6.82 14.00
C THR A 26 -0.74 6.32 12.77
N ASP A 27 0.56 6.11 12.85
CA ASP A 27 1.34 5.75 11.68
C ASP A 27 0.97 4.36 11.18
N GLN A 28 0.70 3.45 12.12
CA GLN A 28 0.26 2.09 11.79
C GLN A 28 -1.18 2.07 11.22
N LEU A 29 -2.08 2.91 11.75
CA LEU A 29 -3.38 3.06 11.12
C LEU A 29 -3.15 3.52 9.68
N LEU A 30 -2.24 4.48 9.50
CA LEU A 30 -2.02 5.03 8.14
C LEU A 30 -1.48 3.93 7.22
N GLU A 31 -0.53 3.15 7.73
CA GLU A 31 0.09 2.12 6.92
C GLU A 31 -0.98 1.15 6.42
N HIS A 32 -1.83 0.69 7.34
CA HIS A 32 -2.93 -0.23 6.96
C HIS A 32 -4.04 0.35 6.17
N ALA A 33 -4.46 1.60 6.44
CA ALA A 33 -5.47 2.29 5.66
C ALA A 33 -4.95 2.38 4.21
N LYS A 34 -3.64 2.67 4.05
CA LYS A 34 -3.13 2.80 2.68
C LYS A 34 -3.11 1.43 1.94
N GLU A 35 -2.77 0.36 2.63
CA GLU A 35 -2.81 -0.98 2.07
C GLU A 35 -4.26 -1.33 1.76
N SER A 36 -5.18 -1.07 2.70
CA SER A 36 -6.60 -1.30 2.47
C SER A 36 -7.06 -0.62 1.21
N LEU A 37 -6.64 0.62 1.06
CA LEU A 37 -7.05 1.44 -0.10
C LEU A 37 -6.54 0.91 -1.42
N THR A 38 -5.30 0.44 -1.41
CA THR A 38 -4.76 -0.17 -2.62
C THR A 38 -5.62 -1.34 -3.05
N HIS A 39 -5.95 -2.18 -2.06
CA HIS A 39 -6.80 -3.35 -2.37
C HIS A 39 -8.22 -2.95 -2.75
N ALA A 40 -8.79 -1.98 -2.07
CA ALA A 40 -10.13 -1.54 -2.39
C ALA A 40 -10.18 -0.98 -3.80
N LYS A 41 -9.15 -0.22 -4.19
CA LYS A 41 -9.10 0.26 -5.58
C LYS A 41 -8.95 -0.89 -6.57
N ALA A 42 -8.15 -1.90 -6.20
CA ALA A 42 -7.95 -3.08 -7.06
C ALA A 42 -9.30 -3.90 -7.17
N ALA A 43 -10.14 -3.81 -6.15
CA ALA A 43 -11.44 -4.51 -6.15
C ALA A 43 -12.45 -3.77 -7.00
N SER A 44 -12.33 -2.44 -7.07
CA SER A 44 -13.23 -1.67 -7.92
C SER A 44 -13.19 -2.32 -9.30
N THR A 50 -20.79 -0.25 -5.73
CA THR A 50 -20.89 1.06 -5.09
C THR A 50 -20.43 1.02 -3.65
N HIS A 51 -20.57 -0.14 -3.00
CA HIS A 51 -20.08 -0.38 -1.64
C HIS A 51 -18.58 -0.11 -1.64
N VAL A 52 -17.89 -0.62 -2.65
CA VAL A 52 -16.44 -0.49 -2.70
C VAL A 52 -16.11 0.99 -2.84
N GLY A 53 -16.87 1.71 -3.65
CA GLY A 53 -16.61 3.14 -3.83
C GLY A 53 -16.80 3.92 -2.57
N HIS A 54 -17.84 3.60 -1.78
CA HIS A 54 -17.97 4.19 -0.43
C HIS A 54 -16.82 3.86 0.47
N GLY A 55 -16.39 2.59 0.45
CA GLY A 55 -15.21 2.16 1.22
C GLY A 55 -13.99 2.99 0.85
N ILE A 56 -13.72 3.15 -0.45
CA ILE A 56 -12.58 3.94 -0.92
C ILE A 56 -12.60 5.39 -0.38
N LYS A 57 -13.78 6.01 -0.41
CA LYS A 57 -13.98 7.40 0.02
C LYS A 57 -13.64 7.50 1.49
N HIS A 58 -14.15 6.55 2.28
CA HIS A 58 -13.85 6.56 3.70
C HIS A 58 -12.38 6.29 4.01
N LEU A 59 -11.77 5.35 3.30
CA LEU A 59 -10.33 5.10 3.47
C LEU A 59 -9.52 6.35 3.16
N GLU A 60 -9.91 7.07 2.14
CA GLU A 60 -9.16 8.28 1.74
C GLU A 60 -9.32 9.32 2.87
N ASP A 61 -10.54 9.43 3.38
CA ASP A 61 -10.81 10.30 4.51
C ASP A 61 -10.06 9.87 5.73
N ALA A 62 -9.97 8.56 5.99
CA ALA A 62 -9.23 8.06 7.15
C ALA A 62 -7.76 8.49 7.01
N ILE A 63 -7.23 8.37 5.82
CA ILE A 63 -5.80 8.73 5.64
C ILE A 63 -5.60 10.20 5.84
N LYS A 64 -6.51 11.01 5.29
CA LYS A 64 -6.36 12.47 5.45
C LYS A 64 -6.39 12.88 6.94
N HIS A 65 -7.35 12.37 7.69
CA HIS A 65 -7.47 12.69 9.07
C HIS A 65 -6.32 12.17 9.90
N GLY A 66 -5.90 10.94 9.64
CA GLY A 66 -4.69 10.42 10.24
C GLY A 66 -3.46 11.30 9.98
N GLU A 67 -3.29 11.70 8.72
CA GLU A 67 -2.18 12.57 8.41
C GLU A 67 -2.31 13.91 9.16
N GLU A 68 -3.55 14.33 9.45
CA GLU A 68 -3.91 15.48 10.30
C GLU A 68 -3.86 15.33 11.83
N GLY A 69 -3.56 14.16 12.34
CA GLY A 69 -3.34 13.98 13.76
C GLY A 69 -4.62 13.66 14.51
N HIS A 70 -5.68 13.34 13.78
CA HIS A 70 -6.95 13.05 14.39
C HIS A 70 -7.22 11.62 14.18
N VAL A 71 -6.58 10.82 15.01
CA VAL A 71 -6.67 9.38 14.88
C VAL A 71 -8.04 8.84 15.29
N GLY A 72 -8.76 9.51 16.18
CA GLY A 72 -10.12 9.10 16.47
C GLY A 72 -10.94 9.21 15.20
N VAL A 73 -10.73 10.33 14.49
CA VAL A 73 -11.59 10.60 13.32
C VAL A 73 -11.17 9.64 12.18
N ALA A 74 -9.87 9.45 12.04
CA ALA A 74 -9.37 8.46 11.06
C ALA A 74 -9.92 7.06 11.38
N THR A 75 -10.02 6.68 12.65
CA THR A 75 -10.56 5.37 13.10
C THR A 75 -12.03 5.18 12.67
N LYS A 76 -12.84 6.20 12.94
CA LYS A 76 -14.24 6.17 12.66
C LYS A 76 -14.36 6.02 11.13
N HIS A 77 -13.53 6.73 10.38
CA HIS A 77 -13.71 6.62 8.91
C HIS A 77 -13.31 5.24 8.46
N ALA A 78 -12.25 4.69 9.06
CA ALA A 78 -11.87 3.30 8.77
C ALA A 78 -12.95 2.31 9.19
N GLN A 79 -13.60 2.49 10.34
CA GLN A 79 -14.76 1.65 10.66
C GLN A 79 -15.86 1.75 9.58
N GLU A 80 -16.17 2.97 9.12
CA GLU A 80 -17.17 3.18 8.06
C GLU A 80 -16.74 2.47 6.78
N ALA A 81 -15.45 2.53 6.43
CA ALA A 81 -14.96 1.81 5.26
C ALA A 81 -15.21 0.30 5.40
N ILE A 82 -14.95 -0.28 6.56
CA ILE A 82 -15.21 -1.70 6.76
C ILE A 82 -16.65 -2.03 6.53
N GLU A 83 -17.57 -1.24 7.11
CA GLU A 83 -19.01 -1.49 6.92
C GLU A 83 -19.36 -1.63 5.43
N HIS A 84 -18.85 -0.70 4.64
CA HIS A 84 -19.13 -0.66 3.24
C HIS A 84 -18.45 -1.80 2.53
N LEU A 85 -17.17 -2.02 2.81
CA LEU A 85 -16.48 -3.11 2.15
C LEU A 85 -17.15 -4.44 2.48
N ARG A 86 -17.64 -4.60 3.71
CA ARG A 86 -18.30 -5.85 4.09
C ARG A 86 -19.63 -5.98 3.40
N ALA A 87 -20.33 -4.86 3.22
CA ALA A 87 -21.53 -4.84 2.38
C ALA A 87 -21.25 -5.48 1.00
N SER A 88 -20.06 -5.25 0.45
CA SER A 88 -19.71 -5.63 -0.93
C SER A 88 -19.14 -7.04 -1.10
N SER B 1 -7.22 -7.07 -9.35
CA SER B 1 -6.96 -6.77 -10.82
C SER B 1 -6.22 -7.99 -11.25
N GLY B 2 -6.04 -8.17 -12.56
CA GLY B 2 -5.39 -9.35 -13.07
C GLY B 2 -3.88 -9.24 -12.87
N HIS B 3 -3.19 -10.32 -13.20
CA HIS B 3 -1.76 -10.39 -12.97
C HIS B 3 -0.98 -9.26 -13.63
N THR B 4 -1.23 -9.05 -14.93
CA THR B 4 -0.52 -8.04 -15.69
C THR B 4 -0.78 -6.65 -15.14
N ALA B 5 -2.03 -6.36 -14.73
CA ALA B 5 -2.40 -5.02 -14.24
C ALA B 5 -1.58 -4.78 -13.01
N HIS B 6 -1.53 -5.78 -12.13
CA HIS B 6 -0.69 -5.60 -10.89
C HIS B 6 0.80 -5.47 -11.14
N VAL B 7 1.36 -6.22 -12.09
CA VAL B 7 2.77 -6.07 -12.36
C VAL B 7 2.99 -4.65 -12.86
N ASP B 8 2.12 -4.19 -13.75
CA ASP B 8 2.32 -2.86 -14.33
C ASP B 8 2.23 -1.77 -13.27
N GLU B 9 1.27 -1.90 -12.37
CA GLU B 9 1.17 -0.96 -11.24
C GLU B 9 2.40 -1.05 -10.32
N ALA B 10 2.84 -2.29 -10.00
CA ALA B 10 4.06 -2.44 -9.22
C ALA B 10 5.24 -1.68 -9.87
N VAL B 11 5.41 -1.84 -11.17
CA VAL B 11 6.53 -1.20 -11.83
C VAL B 11 6.39 0.31 -11.75
N LYS B 12 5.18 0.83 -12.01
CA LYS B 12 4.93 2.26 -11.97
C LYS B 12 5.28 2.82 -10.56
N HIS B 13 4.80 2.17 -9.53
CA HIS B 13 5.08 2.67 -8.20
C HIS B 13 6.56 2.55 -7.92
N ALA B 14 7.20 1.45 -8.33
CA ALA B 14 8.62 1.25 -8.04
C ALA B 14 9.38 2.33 -8.82
N GLU B 15 8.93 2.65 -10.01
CA GLU B 15 9.56 3.75 -10.79
C GLU B 15 9.48 5.10 -10.05
N GLU B 16 8.32 5.37 -9.47
CA GLU B 16 8.17 6.59 -8.68
C GLU B 16 9.03 6.54 -7.46
N ALA B 17 9.08 5.37 -6.84
CA ALA B 17 9.94 5.23 -5.67
C ALA B 17 11.40 5.54 -6.00
N VAL B 18 11.89 5.05 -7.14
CA VAL B 18 13.27 5.29 -7.54
C VAL B 18 13.47 6.73 -7.85
N ALA B 19 12.57 7.32 -8.62
CA ALA B 19 12.70 8.71 -8.94
C ALA B 19 12.81 9.52 -7.65
N HIS B 20 11.97 9.24 -6.65
CA HIS B 20 12.01 9.95 -5.37
C HIS B 20 13.28 9.62 -4.62
N GLY B 21 13.68 8.36 -4.57
CA GLY B 21 14.94 8.01 -3.88
C GLY B 21 16.22 8.68 -4.42
N LYS B 22 16.28 8.87 -5.74
CA LYS B 22 17.41 9.55 -6.43
C LYS B 22 17.50 10.99 -5.95
N GLU B 23 16.37 11.53 -5.49
CA GLU B 23 16.29 12.92 -5.00
C GLU B 23 16.36 12.96 -3.48
N GLY B 24 16.51 11.81 -2.86
CA GLY B 24 16.68 11.75 -1.44
C GLY B 24 15.37 11.83 -0.68
N HIS B 25 14.23 11.61 -1.36
CA HIS B 25 12.94 11.70 -0.66
C HIS B 25 12.59 10.34 -0.08
N THR B 26 13.23 10.02 1.04
CA THR B 26 13.03 8.75 1.70
C THR B 26 11.53 8.40 1.93
N ASP B 27 10.76 9.35 2.47
CA ASP B 27 9.36 9.08 2.80
C ASP B 27 8.52 8.75 1.55
N GLN B 28 8.76 9.46 0.44
CA GLN B 28 8.03 9.17 -0.81
C GLN B 28 8.56 7.90 -1.43
N LEU B 29 9.86 7.66 -1.34
CA LEU B 29 10.33 6.37 -1.75
C LEU B 29 9.58 5.24 -1.00
N LEU B 30 9.49 5.35 0.32
CA LEU B 30 8.80 4.37 1.14
C LEU B 30 7.31 4.23 0.79
N GLU B 31 6.61 5.34 0.65
CA GLU B 31 5.16 5.27 0.29
C GLU B 31 4.97 4.50 -1.02
N HIS B 32 5.79 4.81 -2.01
CA HIS B 32 5.64 4.16 -3.31
C HIS B 32 6.12 2.74 -3.32
N ALA B 33 7.20 2.45 -2.63
CA ALA B 33 7.68 1.05 -2.59
C ALA B 33 6.64 0.20 -1.89
N LYS B 34 6.00 0.76 -0.86
CA LYS B 34 4.92 -0.02 -0.15
C LYS B 34 3.76 -0.36 -1.10
N GLU B 35 3.38 0.62 -1.92
CA GLU B 35 2.30 0.42 -2.91
C GLU B 35 2.73 -0.57 -3.95
N SER B 36 3.97 -0.41 -4.43
CA SER B 36 4.49 -1.33 -5.39
C SER B 36 4.43 -2.76 -4.85
N LEU B 37 4.85 -2.93 -3.59
CA LEU B 37 4.92 -4.23 -2.98
C LEU B 37 3.53 -4.88 -2.89
N THR B 38 2.54 -4.07 -2.54
CA THR B 38 1.13 -4.56 -2.48
C THR B 38 0.73 -5.19 -3.81
N HIS B 39 0.99 -4.46 -4.89
CA HIS B 39 0.71 -4.92 -6.23
C HIS B 39 1.57 -6.11 -6.62
N ALA B 40 2.87 -6.05 -6.27
CA ALA B 40 3.75 -7.22 -6.58
C ALA B 40 3.17 -8.49 -5.90
N LYS B 41 2.79 -8.37 -4.64
CA LYS B 41 2.29 -9.52 -3.96
C LYS B 41 0.96 -9.95 -4.57
N ALA B 42 0.19 -9.00 -5.09
CA ALA B 42 -1.13 -9.37 -5.63
C ALA B 42 -0.96 -10.06 -6.97
N ALA B 43 0.19 -9.90 -7.61
CA ALA B 43 0.52 -10.62 -8.84
C ALA B 43 1.03 -12.03 -8.68
N SER B 44 1.52 -12.41 -7.50
CA SER B 44 2.34 -13.64 -7.45
C SER B 44 1.54 -14.91 -7.65
N THR B 50 10.78 -17.23 -9.84
CA THR B 50 9.90 -16.27 -10.46
C THR B 50 10.42 -14.86 -10.21
N HIS B 51 10.43 -14.10 -11.30
CA HIS B 51 10.80 -12.70 -11.25
C HIS B 51 9.91 -11.89 -10.35
N VAL B 52 8.62 -12.21 -10.29
CA VAL B 52 7.77 -11.49 -9.31
C VAL B 52 8.29 -11.68 -7.87
N GLY B 53 8.59 -12.93 -7.50
CA GLY B 53 9.16 -13.23 -6.17
C GLY B 53 10.42 -12.41 -5.87
N HIS B 54 11.34 -12.38 -6.82
CA HIS B 54 12.53 -11.55 -6.66
C HIS B 54 12.24 -10.04 -6.50
N GLY B 55 11.29 -9.53 -7.28
CA GLY B 55 10.93 -8.12 -7.19
C GLY B 55 10.34 -7.90 -5.81
N ILE B 56 9.49 -8.83 -5.35
CA ILE B 56 8.93 -8.68 -3.96
C ILE B 56 10.07 -8.57 -2.94
N LYS B 57 11.00 -9.52 -3.02
CA LYS B 57 12.13 -9.57 -2.09
C LYS B 57 12.93 -8.25 -2.16
N HIS B 58 13.15 -7.71 -3.34
CA HIS B 58 13.90 -6.44 -3.45
C HIS B 58 13.08 -5.26 -2.94
N LEU B 59 11.77 -5.24 -3.15
CA LEU B 59 10.93 -4.17 -2.57
C LEU B 59 10.95 -4.21 -1.04
N GLU B 60 10.83 -5.41 -0.49
CA GLU B 60 10.93 -5.54 0.96
C GLU B 60 12.25 -5.02 1.47
N ASP B 61 13.32 -5.27 0.71
CA ASP B 61 14.63 -4.74 1.05
C ASP B 61 14.73 -3.23 0.92
N ALA B 62 14.18 -2.67 -0.15
CA ALA B 62 14.13 -1.21 -0.29
C ALA B 62 13.36 -0.56 0.92
N ILE B 63 12.25 -1.18 1.34
CA ILE B 63 11.50 -0.68 2.47
C ILE B 63 12.34 -0.77 3.75
N LYS B 64 12.92 -1.96 4.00
CA LYS B 64 13.75 -2.18 5.18
C LYS B 64 14.82 -1.10 5.26
N HIS B 65 15.55 -0.90 4.16
CA HIS B 65 16.61 0.09 4.12
C HIS B 65 16.10 1.53 4.25
N GLY B 66 15.05 1.86 3.50
CA GLY B 66 14.41 3.18 3.57
C GLY B 66 13.95 3.51 4.98
N GLU B 67 13.40 2.50 5.67
CA GLU B 67 12.91 2.73 7.05
C GLU B 67 14.06 3.16 7.95
N GLU B 68 15.26 2.65 7.66
CA GLU B 68 16.44 2.94 8.46
C GLU B 68 17.15 4.20 7.98
N GLY B 69 16.70 4.73 6.85
CA GLY B 69 17.23 5.98 6.33
C GLY B 69 18.33 5.80 5.31
N HIS B 70 18.56 4.57 4.85
CA HIS B 70 19.57 4.33 3.83
C HIS B 70 18.89 4.46 2.45
N VAL B 71 18.57 5.70 2.09
CA VAL B 71 17.81 5.93 0.85
C VAL B 71 18.56 5.47 -0.42
N GLY B 72 19.90 5.54 -0.40
CA GLY B 72 20.72 5.13 -1.55
C GLY B 72 20.62 3.62 -1.77
N VAL B 73 20.78 2.84 -0.71
CA VAL B 73 20.64 1.40 -0.86
C VAL B 73 19.18 1.02 -1.18
N ALA B 74 18.22 1.74 -0.60
CA ALA B 74 16.78 1.52 -0.85
C ALA B 74 16.50 1.74 -2.32
N THR B 75 16.99 2.84 -2.86
CA THR B 75 16.81 3.16 -4.29
C THR B 75 17.34 2.05 -5.23
N LYS B 76 18.53 1.53 -4.94
CA LYS B 76 19.13 0.41 -5.67
C LYS B 76 18.24 -0.81 -5.65
N HIS B 77 17.68 -1.13 -4.48
CA HIS B 77 16.79 -2.28 -4.38
C HIS B 77 15.55 -2.04 -5.18
N ALA B 78 15.04 -0.81 -5.14
CA ALA B 78 13.82 -0.49 -5.92
C ALA B 78 14.12 -0.64 -7.42
N GLN B 79 15.31 -0.24 -7.85
CA GLN B 79 15.77 -0.40 -9.23
C GLN B 79 15.81 -1.86 -9.69
N GLU B 80 16.37 -2.71 -8.82
CA GLU B 80 16.43 -4.14 -9.08
C GLU B 80 15.05 -4.74 -9.10
N ALA B 81 14.13 -4.20 -8.28
CA ALA B 81 12.78 -4.71 -8.27
C ALA B 81 12.15 -4.42 -9.60
N ILE B 82 12.38 -3.21 -10.16
CA ILE B 82 11.80 -2.91 -11.46
C ILE B 82 12.30 -3.86 -12.52
N GLU B 83 13.60 -4.11 -12.51
CA GLU B 83 14.13 -4.97 -13.56
C GLU B 83 13.49 -6.37 -13.44
N HIS B 84 13.28 -6.87 -12.23
CA HIS B 84 12.67 -8.19 -12.08
C HIS B 84 11.23 -8.14 -12.53
N LEU B 85 10.51 -7.11 -12.07
CA LEU B 85 9.09 -7.01 -12.45
C LEU B 85 8.94 -6.92 -13.95
N ARG B 86 9.81 -6.15 -14.60
CA ARG B 86 9.76 -6.06 -16.05
C ARG B 86 10.17 -7.37 -16.73
N ALA B 87 11.12 -8.11 -16.14
CA ALA B 87 11.49 -9.46 -16.63
C ALA B 87 10.35 -10.45 -16.46
N SER B 88 9.41 -10.19 -15.58
CA SER B 88 8.31 -11.18 -15.48
C SER B 88 7.48 -11.10 -16.80
NI NI C . -6.05 -8.25 -8.38
#